data_8YV5
#
_entry.id   8YV5
#
_cell.length_a   146.920
_cell.length_b   146.920
_cell.length_c   146.920
_cell.angle_alpha   90.00
_cell.angle_beta   90.00
_cell.angle_gamma   90.00
#
_symmetry.space_group_name_H-M   'I 21 3'
#
loop_
_entity.id
_entity.type
_entity.pdbx_description
1 polymer 'Putative serine/threonine protein kinase'
2 non-polymer GLYCEROL
3 non-polymer "ADENOSINE-5'-TRIPHOSPHATE"
4 non-polymer 'CHLORIDE ION'
5 water water
#
_entity_poly.entity_id   1
_entity_poly.type   'polypeptide(L)'
_entity_poly.pdbx_seq_one_letter_code
;MRGRHSVVRVEGDRAIKQFFPAYRYNFWKEAGFLSLLQEFDFVPRLYSINPEKLEIEMEFIEGRPIKDVINELNSETIGR
ILDICRKLDVLGIQKEEMNHPDRHIIISDRIVFIDFERGVIKCRPSNLTQFAVYLNSRLRLMKNEELKKLLREYKKGFDD
ESYRELRTQILQYMK
;
_entity_poly.pdbx_strand_id   B,A
#
loop_
_chem_comp.id
_chem_comp.type
_chem_comp.name
_chem_comp.formula
ATP non-polymer ADENOSINE-5'-TRIPHOSPHATE 'C10 H16 N5 O13 P3'
CL non-polymer 'CHLORIDE ION' 'Cl -1'
GOL non-polymer GLYCEROL 'C3 H8 O3'
#
# COMPACT_ATOMS: atom_id res chain seq x y z
N GLY A 3 -11.10 -22.57 -7.43
CA GLY A 3 -11.81 -21.41 -6.93
C GLY A 3 -11.09 -20.10 -7.20
N ARG A 4 -11.36 -19.49 -8.35
CA ARG A 4 -10.69 -18.28 -8.78
C ARG A 4 -11.55 -17.05 -8.46
N HIS A 5 -10.90 -15.89 -8.35
CA HIS A 5 -11.61 -14.67 -8.03
C HIS A 5 -11.96 -13.84 -9.26
N SER A 6 -11.56 -14.28 -10.45
CA SER A 6 -11.63 -13.43 -11.62
C SER A 6 -11.61 -14.29 -12.87
N VAL A 7 -11.97 -13.68 -13.99
CA VAL A 7 -11.71 -14.23 -15.32
C VAL A 7 -10.76 -13.26 -16.01
N VAL A 8 -9.70 -13.79 -16.62
CA VAL A 8 -8.74 -12.97 -17.35
C VAL A 8 -8.92 -13.26 -18.83
N ARG A 9 -9.11 -12.20 -19.61
CA ARG A 9 -9.18 -12.34 -21.06
C ARG A 9 -8.12 -11.44 -21.67
N VAL A 10 -7.85 -11.65 -22.96
CA VAL A 10 -6.79 -10.92 -23.65
C VAL A 10 -7.41 -10.23 -24.87
N GLU A 11 -7.15 -8.93 -25.00
CA GLU A 11 -7.52 -8.16 -26.18
C GLU A 11 -6.29 -7.37 -26.61
N GLY A 12 -5.80 -7.62 -27.81
CA GLY A 12 -4.58 -6.95 -28.23
C GLY A 12 -3.41 -7.31 -27.33
N ASP A 13 -2.67 -6.30 -26.87
CA ASP A 13 -1.57 -6.55 -25.94
C ASP A 13 -1.96 -6.37 -24.48
N ARG A 14 -3.25 -6.44 -24.16
CA ARG A 14 -3.71 -6.18 -22.81
C ARG A 14 -4.31 -7.43 -22.17
N ALA A 15 -3.96 -7.64 -20.89
CA ALA A 15 -4.67 -8.62 -20.09
C ALA A 15 -5.76 -7.85 -19.37
N ILE A 16 -6.99 -8.33 -19.45
CA ILE A 16 -8.11 -7.68 -18.80
C ILE A 16 -8.62 -8.65 -17.75
N LYS A 17 -8.47 -8.29 -16.47
CA LYS A 17 -8.86 -9.14 -15.37
C LYS A 17 -10.18 -8.63 -14.81
N GLN A 18 -11.24 -9.45 -14.92
CA GLN A 18 -12.57 -9.06 -14.44
C GLN A 18 -12.93 -9.87 -13.21
N PHE A 19 -13.03 -9.20 -12.06
CA PHE A 19 -13.34 -9.87 -10.80
C PHE A 19 -14.82 -10.22 -10.68
N PHE A 20 -15.10 -11.39 -10.10
CA PHE A 20 -16.48 -11.70 -9.79
C PHE A 20 -16.99 -10.73 -8.74
N PRO A 21 -18.30 -10.45 -8.73
CA PRO A 21 -18.84 -9.42 -7.82
C PRO A 21 -18.59 -9.70 -6.34
N ALA A 22 -18.46 -10.97 -5.94
CA ALA A 22 -18.17 -11.28 -4.55
C ALA A 22 -16.76 -10.84 -4.15
N TYR A 23 -15.91 -10.48 -5.11
CA TYR A 23 -14.51 -10.14 -4.81
C TYR A 23 -14.16 -8.71 -5.19
N ARG A 24 -15.13 -7.81 -5.04
CA ARG A 24 -14.85 -6.38 -5.15
C ARG A 24 -13.71 -5.96 -4.24
N TYR A 25 -13.64 -6.54 -3.04
CA TYR A 25 -12.57 -6.21 -2.11
C TYR A 25 -11.20 -6.44 -2.75
N ASN A 26 -11.06 -7.55 -3.47
CA ASN A 26 -9.80 -7.93 -4.06
C ASN A 26 -9.49 -7.12 -5.31
N PHE A 27 -10.54 -6.75 -6.05
CA PHE A 27 -10.35 -5.83 -7.16
C PHE A 27 -9.52 -4.62 -6.72
N TRP A 28 -9.91 -4.00 -5.60
CA TRP A 28 -9.24 -2.78 -5.15
C TRP A 28 -7.81 -3.04 -4.68
N LYS A 29 -7.55 -4.21 -4.10
CA LYS A 29 -6.16 -4.47 -3.70
C LYS A 29 -5.28 -4.73 -4.93
N GLU A 30 -5.81 -5.44 -5.93
CA GLU A 30 -5.06 -5.57 -7.18
C GLU A 30 -4.74 -4.20 -7.78
N ALA A 31 -5.75 -3.36 -7.95
CA ALA A 31 -5.56 -2.00 -8.46
C ALA A 31 -4.57 -1.22 -7.63
N GLY A 32 -4.72 -1.28 -6.30
CA GLY A 32 -3.88 -0.47 -5.42
C GLY A 32 -2.41 -0.87 -5.49
N PHE A 33 -2.12 -2.17 -5.34
CA PHE A 33 -0.72 -2.59 -5.28
C PHE A 33 -0.05 -2.51 -6.64
N LEU A 34 -0.77 -2.80 -7.74
CA LEU A 34 -0.18 -2.56 -9.05
C LEU A 34 0.17 -1.08 -9.20
N SER A 35 -0.71 -0.19 -8.77
CA SER A 35 -0.41 1.25 -8.86
C SER A 35 0.84 1.61 -8.06
N LEU A 36 0.93 1.10 -6.83
CA LEU A 36 2.06 1.47 -5.98
C LEU A 36 3.36 0.89 -6.50
N LEU A 37 3.29 -0.08 -7.40
CA LEU A 37 4.49 -0.74 -7.89
C LEU A 37 4.88 -0.30 -9.30
N GLN A 38 4.13 0.64 -9.91
CA GLN A 38 4.43 1.10 -11.27
C GLN A 38 5.81 1.74 -11.36
N GLU A 39 6.35 2.25 -10.25
CA GLU A 39 7.69 2.79 -10.35
C GLU A 39 8.75 1.70 -10.54
N PHE A 40 8.39 0.42 -10.41
CA PHE A 40 9.35 -0.67 -10.59
C PHE A 40 9.07 -1.46 -11.85
N ASP A 41 10.05 -2.21 -12.32
CA ASP A 41 9.87 -2.88 -13.60
C ASP A 41 9.35 -4.31 -13.51
N PHE A 42 9.07 -4.81 -12.31
CA PHE A 42 8.70 -6.20 -12.14
C PHE A 42 7.18 -6.40 -11.96
N VAL A 43 6.34 -5.44 -12.35
CA VAL A 43 4.89 -5.67 -12.41
C VAL A 43 4.38 -5.20 -13.77
N PRO A 44 3.22 -5.70 -14.22
CA PRO A 44 2.64 -5.17 -15.47
C PRO A 44 2.34 -3.69 -15.39
N ARG A 45 2.47 -2.99 -16.53
CA ARG A 45 1.96 -1.61 -16.60
C ARG A 45 0.45 -1.67 -16.39
N LEU A 46 -0.07 -0.74 -15.58
CA LEU A 46 -1.50 -0.64 -15.34
C LEU A 46 -2.07 0.42 -16.28
N TYR A 47 -3.13 0.08 -17.02
CA TYR A 47 -3.69 1.00 -18.00
C TYR A 47 -5.00 1.62 -17.57
N SER A 48 -5.88 0.85 -16.95
CA SER A 48 -7.19 1.43 -16.62
C SER A 48 -7.86 0.56 -15.58
N ILE A 49 -8.75 1.18 -14.81
CA ILE A 49 -9.63 0.45 -13.92
C ILE A 49 -11.06 0.84 -14.25
N ASN A 50 -11.99 -0.10 -14.05
CA ASN A 50 -13.40 0.17 -14.26
C ASN A 50 -14.09 -0.46 -13.06
N PRO A 51 -14.34 0.34 -12.03
CA PRO A 51 -14.99 -0.21 -10.82
C PRO A 51 -16.40 -0.75 -11.06
N GLU A 52 -17.15 -0.21 -12.01
CA GLU A 52 -18.50 -0.72 -12.24
C GLU A 52 -18.44 -2.14 -12.79
N LYS A 53 -17.45 -2.43 -13.63
CA LYS A 53 -17.27 -3.76 -14.19
C LYS A 53 -16.30 -4.62 -13.39
N LEU A 54 -15.70 -4.10 -12.33
CA LEU A 54 -14.61 -4.76 -11.59
C LEU A 54 -13.52 -5.27 -12.55
N GLU A 55 -13.15 -4.43 -13.50
CA GLU A 55 -12.13 -4.77 -14.52
C GLU A 55 -10.86 -3.97 -14.35
N ILE A 56 -9.72 -4.64 -14.45
CA ILE A 56 -8.42 -4.01 -14.51
C ILE A 56 -7.79 -4.34 -15.85
N GLU A 57 -7.36 -3.32 -16.60
CA GLU A 57 -6.66 -3.54 -17.88
C GLU A 57 -5.18 -3.25 -17.67
N MET A 58 -4.34 -4.19 -18.06
CA MET A 58 -2.92 -4.07 -17.79
C MET A 58 -2.13 -4.70 -18.93
N GLU A 59 -0.82 -4.50 -18.86
CA GLU A 59 0.08 -5.09 -19.84
C GLU A 59 0.03 -6.62 -19.79
N PHE A 60 -0.14 -7.25 -20.96
CA PHE A 60 0.09 -8.70 -21.05
C PHE A 60 1.59 -9.00 -21.02
N ILE A 61 1.97 -9.86 -20.09
CA ILE A 61 3.39 -10.23 -19.95
C ILE A 61 3.63 -11.50 -20.75
N GLU A 62 4.49 -11.41 -21.75
CA GLU A 62 4.92 -12.57 -22.53
C GLU A 62 6.03 -13.28 -21.75
N GLY A 63 5.92 -14.59 -21.59
CA GLY A 63 6.97 -15.33 -20.92
C GLY A 63 6.49 -16.73 -20.61
N ARG A 64 7.27 -17.43 -19.78
CA ARG A 64 6.87 -18.75 -19.32
C ARG A 64 6.62 -18.66 -17.82
N PRO A 65 5.56 -19.26 -17.32
CA PRO A 65 5.30 -19.22 -15.88
C PRO A 65 6.31 -20.12 -15.18
N ILE A 66 6.67 -19.74 -13.95
CA ILE A 66 7.78 -20.42 -13.26
C ILE A 66 7.51 -21.91 -13.13
N LYS A 67 6.24 -22.31 -12.97
CA LYS A 67 5.95 -23.75 -12.79
C LYS A 67 6.47 -24.56 -13.97
N ASP A 68 6.56 -23.93 -15.14
CA ASP A 68 6.97 -24.62 -16.34
C ASP A 68 8.47 -24.68 -16.51
N VAL A 69 9.25 -23.91 -15.72
CA VAL A 69 10.69 -23.90 -15.96
C VAL A 69 11.53 -23.98 -14.68
N ILE A 70 10.89 -24.17 -13.52
CA ILE A 70 11.61 -24.02 -12.24
C ILE A 70 12.82 -24.93 -12.13
N ASN A 71 12.72 -26.17 -12.59
CA ASN A 71 13.83 -27.10 -12.36
C ASN A 71 15.01 -26.82 -13.26
N GLU A 72 14.82 -26.01 -14.32
CA GLU A 72 15.87 -25.64 -15.26
C GLU A 72 16.44 -24.24 -15.02
N LEU A 73 15.89 -23.48 -14.06
CA LEU A 73 16.33 -22.10 -13.85
C LEU A 73 17.72 -22.11 -13.22
N ASN A 74 18.60 -21.25 -13.73
CA ASN A 74 19.94 -21.18 -13.16
C ASN A 74 19.96 -20.31 -11.91
N SER A 75 21.08 -20.39 -11.18
CA SER A 75 21.16 -19.70 -9.89
C SER A 75 21.13 -18.18 -10.04
N GLU A 76 21.70 -17.63 -11.11
CA GLU A 76 21.56 -16.20 -11.37
C GLU A 76 20.09 -15.79 -11.48
N THR A 77 19.30 -16.59 -12.18
CA THR A 77 17.88 -16.25 -12.35
C THR A 77 17.12 -16.41 -11.04
N ILE A 78 17.39 -17.48 -10.29
CA ILE A 78 16.78 -17.61 -8.98
C ILE A 78 17.13 -16.41 -8.10
N GLY A 79 18.39 -15.98 -8.14
CA GLY A 79 18.81 -14.84 -7.32
C GLY A 79 18.09 -13.56 -7.70
N ARG A 80 17.83 -13.35 -8.98
CA ARG A 80 17.02 -12.19 -9.39
C ARG A 80 15.61 -12.29 -8.81
N ILE A 81 15.05 -13.50 -8.75
CA ILE A 81 13.71 -13.63 -8.18
C ILE A 81 13.75 -13.35 -6.70
N LEU A 82 14.79 -13.87 -6.02
CA LEU A 82 14.93 -13.58 -4.59
C LEU A 82 15.03 -12.08 -4.36
N ASP A 83 15.77 -11.36 -5.24
CA ASP A 83 15.93 -9.91 -5.12
C ASP A 83 14.58 -9.21 -5.23
N ILE A 84 13.70 -9.69 -6.12
CA ILE A 84 12.38 -9.07 -6.23
C ILE A 84 11.55 -9.31 -4.97
N CYS A 85 11.57 -10.54 -4.44
CA CYS A 85 10.88 -10.78 -3.17
C CYS A 85 11.41 -9.85 -2.08
N ARG A 86 12.74 -9.68 -2.02
CA ARG A 86 13.33 -8.79 -1.02
C ARG A 86 12.86 -7.36 -1.22
N LYS A 87 12.78 -6.91 -2.48
CA LYS A 87 12.32 -5.57 -2.77
C LYS A 87 10.91 -5.36 -2.22
N LEU A 88 10.01 -6.32 -2.44
CA LEU A 88 8.67 -6.24 -1.88
C LEU A 88 8.72 -6.23 -0.36
N ASP A 89 9.61 -7.06 0.23
CA ASP A 89 9.76 -7.06 1.68
C ASP A 89 10.13 -5.66 2.17
N VAL A 90 11.12 -5.03 1.54
CA VAL A 90 11.60 -3.74 2.01
C VAL A 90 10.50 -2.69 1.83
N LEU A 91 9.70 -2.80 0.76
CA LEU A 91 8.62 -1.85 0.50
C LEU A 91 7.45 -2.01 1.47
N GLY A 92 7.33 -3.16 2.13
CA GLY A 92 6.23 -3.39 3.05
C GLY A 92 5.01 -4.05 2.45
N ILE A 93 5.12 -4.68 1.28
CA ILE A 93 3.98 -5.28 0.60
C ILE A 93 4.10 -6.80 0.70
N GLN A 94 3.16 -7.41 1.42
CA GLN A 94 3.06 -8.86 1.53
C GLN A 94 2.12 -9.33 0.44
N LYS A 95 2.66 -9.90 -0.63
CA LYS A 95 1.82 -10.28 -1.81
C LYS A 95 0.94 -11.47 -1.46
N GLU A 96 1.41 -12.37 -0.61
CA GLU A 96 0.69 -13.61 -0.20
C GLU A 96 0.82 -14.69 -1.27
N GLU A 97 0.72 -15.96 -0.86
CA GLU A 97 0.75 -17.12 -1.80
C GLU A 97 2.07 -17.19 -2.59
N MET A 98 3.15 -16.64 -2.04
CA MET A 98 4.48 -16.71 -2.72
C MET A 98 5.03 -18.13 -2.58
N ASN A 99 4.46 -18.95 -1.70
CA ASN A 99 4.82 -20.36 -1.64
C ASN A 99 4.09 -21.18 -2.69
N HIS A 100 3.12 -20.57 -3.40
CA HIS A 100 2.55 -21.16 -4.61
C HIS A 100 2.55 -20.14 -5.74
N PRO A 101 3.74 -19.74 -6.20
CA PRO A 101 3.85 -18.73 -7.26
C PRO A 101 3.81 -19.32 -8.67
N ASP A 102 3.42 -20.60 -8.79
CA ASP A 102 3.50 -21.37 -10.02
C ASP A 102 3.09 -20.58 -11.26
N ARG A 103 1.96 -19.88 -11.18
CA ARG A 103 1.35 -19.17 -12.29
C ARG A 103 1.65 -17.69 -12.30
N HIS A 104 2.36 -17.18 -11.29
CA HIS A 104 2.39 -15.75 -10.98
C HIS A 104 3.76 -15.11 -11.10
N ILE A 105 4.77 -15.87 -11.49
CA ILE A 105 6.07 -15.33 -11.88
C ILE A 105 6.28 -15.71 -13.34
N ILE A 106 6.39 -14.72 -14.22
CA ILE A 106 6.40 -14.96 -15.66
C ILE A 106 7.79 -14.58 -16.15
N ILE A 107 8.48 -15.50 -16.83
CA ILE A 107 9.92 -15.36 -17.08
C ILE A 107 10.20 -15.30 -18.56
N SER A 108 10.99 -14.28 -18.91
CA SER A 108 11.46 -14.08 -20.28
C SER A 108 12.88 -13.55 -20.13
N ASP A 109 13.28 -12.59 -20.94
CA ASP A 109 14.56 -11.88 -20.72
C ASP A 109 14.36 -11.13 -19.40
N ARG A 110 13.10 -10.87 -19.06
CA ARG A 110 12.78 -10.17 -17.79
C ARG A 110 11.98 -11.07 -16.86
N ILE A 111 11.79 -10.60 -15.63
CA ILE A 111 11.04 -11.31 -14.61
C ILE A 111 9.92 -10.40 -14.13
N VAL A 112 8.68 -10.86 -14.24
CA VAL A 112 7.52 -10.03 -13.85
C VAL A 112 6.60 -10.82 -12.95
N PHE A 113 6.16 -10.21 -11.85
CA PHE A 113 5.19 -10.81 -10.94
C PHE A 113 3.79 -10.33 -11.31
N ILE A 114 2.82 -11.23 -11.18
CA ILE A 114 1.40 -10.87 -11.42
C ILE A 114 0.52 -11.36 -10.25
N ASP A 115 -0.69 -10.83 -10.13
CA ASP A 115 -1.68 -11.29 -9.11
C ASP A 115 -1.39 -10.73 -7.72
N PHE A 116 -1.80 -9.48 -7.49
CA PHE A 116 -1.57 -8.82 -6.18
C PHE A 116 -2.92 -8.65 -5.46
N GLU A 117 -3.95 -9.36 -5.89
CA GLU A 117 -5.28 -9.10 -5.31
C GLU A 117 -5.36 -9.57 -3.86
N ARG A 118 -4.41 -10.36 -3.38
CA ARG A 118 -4.48 -10.78 -1.95
C ARG A 118 -3.42 -10.06 -1.11
N GLY A 119 -2.80 -9.02 -1.66
CA GLY A 119 -1.74 -8.34 -0.92
C GLY A 119 -2.23 -7.61 0.32
N VAL A 120 -1.30 -7.46 1.27
CA VAL A 120 -1.58 -6.73 2.53
C VAL A 120 -0.31 -5.97 2.88
N ILE A 121 -0.43 -4.81 3.53
CA ILE A 121 0.77 -4.08 3.99
C ILE A 121 1.24 -4.73 5.30
N LYS A 122 2.56 -4.93 5.44
CA LYS A 122 3.12 -5.52 6.67
C LYS A 122 4.49 -4.90 6.95
N CYS A 123 4.84 -4.76 8.23
CA CYS A 123 6.17 -4.19 8.62
C CYS A 123 7.27 -5.11 8.10
N ARG A 124 7.08 -6.42 8.25
CA ARG A 124 8.06 -7.40 7.80
C ARG A 124 7.35 -8.47 6.97
N PRO A 125 7.17 -8.23 5.67
CA PRO A 125 6.44 -9.18 4.83
C PRO A 125 7.11 -10.53 4.73
N SER A 126 6.34 -11.51 4.22
CA SER A 126 6.80 -12.88 4.07
C SER A 126 6.97 -13.29 2.59
N ASN A 127 7.32 -12.36 1.72
CA ASN A 127 7.50 -12.73 0.32
C ASN A 127 8.66 -13.70 0.18
N LEU A 128 9.82 -13.29 0.71
CA LEU A 128 11.01 -14.12 0.55
C LEU A 128 10.88 -15.43 1.31
N THR A 129 10.36 -15.38 2.55
CA THR A 129 10.24 -16.60 3.35
C THR A 129 9.22 -17.58 2.74
N GLN A 130 8.11 -17.08 2.18
CA GLN A 130 7.20 -17.97 1.45
C GLN A 130 7.85 -18.54 0.20
N PHE A 131 8.53 -17.69 -0.57
CA PHE A 131 9.10 -18.19 -1.82
C PHE A 131 10.19 -19.22 -1.57
N ALA A 132 10.96 -19.03 -0.48
CA ALA A 132 11.98 -20.02 -0.12
C ALA A 132 11.38 -21.41 0.09
N VAL A 133 10.18 -21.48 0.68
CA VAL A 133 9.52 -22.77 0.87
C VAL A 133 9.15 -23.41 -0.47
N TYR A 134 8.58 -22.61 -1.39
CA TYR A 134 8.35 -23.12 -2.74
C TYR A 134 9.65 -23.65 -3.33
N LEU A 135 10.72 -22.87 -3.22
CA LEU A 135 11.98 -23.28 -3.82
C LEU A 135 12.46 -24.58 -3.23
N ASN A 136 12.37 -24.71 -1.91
CA ASN A 136 12.84 -25.96 -1.28
C ASN A 136 11.95 -27.13 -1.66
N SER A 137 10.65 -26.88 -1.85
CA SER A 137 9.75 -27.97 -2.24
C SER A 137 10.04 -28.47 -3.64
N ARG A 138 10.37 -27.56 -4.55
CA ARG A 138 10.61 -27.93 -5.93
C ARG A 138 12.04 -28.39 -6.19
N LEU A 139 13.02 -27.76 -5.54
CA LEU A 139 14.42 -28.08 -5.81
C LEU A 139 15.03 -29.01 -4.76
N ARG A 140 14.38 -29.21 -3.63
CA ARG A 140 14.87 -30.11 -2.57
C ARG A 140 16.26 -29.67 -2.09
N LEU A 141 16.38 -28.40 -1.70
CA LEU A 141 17.71 -27.86 -1.39
C LEU A 141 18.26 -28.34 -0.03
N MET A 142 17.41 -28.54 0.96
CA MET A 142 17.88 -28.83 2.31
C MET A 142 16.72 -29.40 3.12
N LYS A 143 16.99 -29.72 4.39
CA LYS A 143 15.95 -30.27 5.25
C LYS A 143 15.03 -29.15 5.72
N ASN A 144 13.76 -29.50 5.93
CA ASN A 144 12.77 -28.48 6.29
C ASN A 144 13.21 -27.72 7.53
N GLU A 145 13.81 -28.43 8.50
CA GLU A 145 14.24 -27.80 9.74
C GLU A 145 15.34 -26.77 9.50
N GLU A 146 16.32 -27.08 8.63
CA GLU A 146 17.37 -26.12 8.32
C GLU A 146 16.80 -24.86 7.68
N LEU A 147 15.88 -25.02 6.73
CA LEU A 147 15.30 -23.85 6.10
C LEU A 147 14.62 -22.98 7.14
N LYS A 148 13.92 -23.60 8.08
CA LYS A 148 13.14 -22.85 9.04
C LYS A 148 14.06 -22.02 9.95
N LYS A 149 15.23 -22.54 10.32
CA LYS A 149 16.22 -21.75 11.07
C LYS A 149 16.69 -20.54 10.27
N LEU A 150 17.07 -20.75 9.00
CA LEU A 150 17.57 -19.65 8.18
C LEU A 150 16.53 -18.56 8.04
N LEU A 151 15.26 -18.95 7.85
CA LEU A 151 14.21 -17.97 7.62
C LEU A 151 13.91 -17.17 8.89
N ARG A 152 14.03 -17.77 10.07
CA ARG A 152 13.84 -16.98 11.29
C ARG A 152 14.96 -15.98 11.50
N GLU A 153 16.20 -16.38 11.18
CA GLU A 153 17.31 -15.44 11.27
C GLU A 153 17.10 -14.25 10.36
N TYR A 154 16.60 -14.49 9.15
CA TYR A 154 16.28 -13.37 8.25
C TYR A 154 15.22 -12.47 8.85
N LYS A 155 14.15 -13.06 9.39
CA LYS A 155 13.06 -12.23 9.94
C LYS A 155 13.54 -11.46 11.16
N LYS A 156 14.47 -12.02 11.93
CA LYS A 156 14.99 -11.34 13.11
C LYS A 156 15.80 -10.10 12.72
N GLY A 157 16.72 -10.23 11.75
CA GLY A 157 17.55 -9.13 11.28
C GLY A 157 16.88 -8.18 10.30
N PHE A 158 16.49 -8.70 9.14
CA PHE A 158 15.66 -8.04 8.13
C PHE A 158 16.31 -6.81 7.50
N ASP A 159 17.63 -6.67 7.56
CA ASP A 159 18.29 -5.56 6.90
C ASP A 159 19.02 -6.13 5.67
N ASP A 160 19.70 -5.25 4.94
CA ASP A 160 20.34 -5.69 3.70
C ASP A 160 21.37 -6.79 3.96
N GLU A 161 22.16 -6.65 5.04
CA GLU A 161 23.18 -7.67 5.25
C GLU A 161 22.55 -9.04 5.55
N SER A 162 21.51 -9.08 6.38
CA SER A 162 20.89 -10.38 6.68
C SER A 162 20.12 -10.93 5.48
N TYR A 163 19.61 -10.07 4.59
CA TYR A 163 19.05 -10.57 3.35
C TYR A 163 20.13 -11.26 2.54
N ARG A 164 21.29 -10.60 2.39
CA ARG A 164 22.37 -11.15 1.58
C ARG A 164 22.81 -12.50 2.11
N GLU A 165 22.78 -12.66 3.44
CA GLU A 165 23.16 -13.95 4.04
C GLU A 165 22.18 -15.04 3.64
N LEU A 166 20.88 -14.76 3.75
CA LEU A 166 19.88 -15.77 3.39
C LEU A 166 19.93 -16.08 1.89
N ARG A 167 20.07 -15.04 1.05
CA ARG A 167 20.23 -15.21 -0.39
C ARG A 167 21.37 -16.18 -0.69
N THR A 168 22.54 -15.93 -0.07
CA THR A 168 23.69 -16.81 -0.30
C THR A 168 23.43 -18.22 0.21
N GLN A 169 22.78 -18.34 1.37
CA GLN A 169 22.56 -19.65 1.95
C GLN A 169 21.64 -20.49 1.09
N ILE A 170 20.62 -19.86 0.49
CA ILE A 170 19.69 -20.53 -0.41
C ILE A 170 20.37 -20.93 -1.72
N LEU A 171 21.14 -20.01 -2.31
CA LEU A 171 21.76 -20.28 -3.61
C LEU A 171 22.86 -21.33 -3.51
N GLN A 172 23.63 -21.34 -2.41
CA GLN A 172 24.74 -22.27 -2.32
C GLN A 172 24.31 -23.74 -2.51
N TYR A 173 23.08 -24.09 -2.15
CA TYR A 173 22.59 -25.46 -2.23
C TYR A 173 22.13 -25.88 -3.63
N MET A 174 22.13 -24.97 -4.60
CA MET A 174 21.58 -25.27 -5.93
C MET A 174 22.50 -26.17 -6.71
N LYS A 175 21.90 -27.11 -7.46
CA LYS A 175 22.64 -28.10 -8.24
C LYS A 175 23.67 -27.43 -9.15
N GLY B 3 3.93 25.26 -4.12
CA GLY B 3 4.49 24.22 -4.97
C GLY B 3 3.55 23.05 -5.22
N ARG B 4 2.73 23.15 -6.27
CA ARG B 4 1.66 22.20 -6.55
C ARG B 4 2.10 21.13 -7.56
N HIS B 5 1.56 19.93 -7.43
CA HIS B 5 1.89 18.82 -8.33
C HIS B 5 0.81 18.54 -9.37
N SER B 6 -0.31 19.24 -9.31
CA SER B 6 -1.48 18.88 -10.10
C SER B 6 -2.37 20.08 -10.21
N VAL B 7 -3.32 20.00 -11.13
CA VAL B 7 -4.47 20.91 -11.20
C VAL B 7 -5.72 20.07 -11.03
N VAL B 8 -6.62 20.51 -10.18
CA VAL B 8 -7.88 19.81 -9.93
C VAL B 8 -8.99 20.60 -10.58
N ARG B 9 -9.79 19.95 -11.42
CA ARG B 9 -10.98 20.58 -11.97
C ARG B 9 -12.20 19.76 -11.59
N VAL B 10 -13.40 20.35 -11.75
CA VAL B 10 -14.64 19.70 -11.37
C VAL B 10 -15.53 19.61 -12.59
N GLU B 11 -16.05 18.41 -12.87
CA GLU B 11 -17.02 18.19 -13.93
C GLU B 11 -18.15 17.35 -13.35
N GLY B 12 -19.37 17.89 -13.34
CA GLY B 12 -20.48 17.15 -12.73
C GLY B 12 -20.18 16.89 -11.26
N ASP B 13 -20.32 15.64 -10.83
CA ASP B 13 -20.03 15.27 -9.44
C ASP B 13 -18.61 14.73 -9.25
N ARG B 14 -17.69 14.98 -10.17
CA ARG B 14 -16.36 14.41 -10.07
C ARG B 14 -15.29 15.47 -9.89
N ALA B 15 -14.32 15.19 -9.02
CA ALA B 15 -13.07 15.95 -8.96
C ALA B 15 -12.08 15.22 -9.85
N ILE B 16 -11.44 15.95 -10.75
CA ILE B 16 -10.46 15.34 -11.67
C ILE B 16 -9.13 15.97 -11.39
N LYS B 17 -8.19 15.17 -10.89
CA LYS B 17 -6.87 15.63 -10.52
C LYS B 17 -5.89 15.27 -11.63
N GLN B 18 -5.31 16.29 -12.29
CA GLN B 18 -4.39 16.03 -13.39
C GLN B 18 -2.99 16.43 -12.96
N PHE B 19 -2.09 15.46 -12.85
CA PHE B 19 -0.73 15.73 -12.40
C PHE B 19 0.12 16.32 -13.52
N PHE B 20 1.02 17.25 -13.16
CA PHE B 20 2.01 17.69 -14.12
C PHE B 20 2.96 16.54 -14.49
N PRO B 21 3.50 16.55 -15.71
CA PRO B 21 4.29 15.40 -16.18
C PRO B 21 5.51 15.06 -15.35
N ALA B 22 6.09 16.05 -14.65
CA ALA B 22 7.22 15.74 -13.78
C ALA B 22 6.83 14.97 -12.52
N TYR B 23 5.53 14.79 -12.26
CA TYR B 23 5.02 14.16 -11.04
C TYR B 23 4.28 12.86 -11.33
N ARG B 24 4.73 12.12 -12.35
CA ARG B 24 4.15 10.80 -12.57
C ARG B 24 4.29 9.94 -11.31
N TYR B 25 5.39 10.11 -10.59
CA TYR B 25 5.60 9.34 -9.37
C TYR B 25 4.43 9.52 -8.41
N ASN B 26 3.98 10.76 -8.24
CA ASN B 26 2.89 11.05 -7.29
C ASN B 26 1.54 10.62 -7.80
N PHE B 27 1.33 10.72 -9.11
CA PHE B 27 0.11 10.19 -9.72
C PHE B 27 -0.16 8.78 -9.24
N TRP B 28 0.86 7.91 -9.33
CA TRP B 28 0.65 6.50 -8.99
C TRP B 28 0.44 6.28 -7.49
N LYS B 29 1.06 7.12 -6.64
CA LYS B 29 0.79 6.91 -5.21
C LYS B 29 -0.60 7.37 -4.85
N GLU B 30 -1.04 8.49 -5.41
CA GLU B 30 -2.43 8.89 -5.25
C GLU B 30 -3.38 7.79 -5.69
N ALA B 31 -3.20 7.28 -6.90
CA ALA B 31 -4.07 6.18 -7.35
C ALA B 31 -3.97 4.98 -6.43
N GLY B 32 -2.74 4.61 -6.03
CA GLY B 32 -2.55 3.40 -5.22
C GLY B 32 -3.22 3.48 -3.87
N PHE B 33 -2.96 4.55 -3.12
CA PHE B 33 -3.51 4.64 -1.78
C PHE B 33 -5.02 4.88 -1.82
N LEU B 34 -5.55 5.64 -2.77
CA LEU B 34 -7.01 5.72 -2.89
C LEU B 34 -7.61 4.33 -3.13
N SER B 35 -7.00 3.54 -4.02
CA SER B 35 -7.49 2.18 -4.27
C SER B 35 -7.47 1.34 -3.00
N LEU B 36 -6.35 1.37 -2.27
CA LEU B 36 -6.23 0.54 -1.07
C LEU B 36 -7.16 1.00 0.04
N LEU B 37 -7.71 2.22 -0.06
CA LEU B 37 -8.57 2.72 0.99
C LEU B 37 -10.05 2.70 0.64
N GLN B 38 -10.43 2.19 -0.54
CA GLN B 38 -11.83 2.15 -0.96
C GLN B 38 -12.69 1.31 -0.05
N GLU B 39 -12.08 0.37 0.66
CA GLU B 39 -12.89 -0.41 1.61
C GLU B 39 -13.37 0.41 2.79
N PHE B 40 -12.86 1.63 2.98
CA PHE B 40 -13.27 2.48 4.09
C PHE B 40 -14.07 3.67 3.56
N ASP B 41 -14.80 4.30 4.47
CA ASP B 41 -15.67 5.39 4.10
C ASP B 41 -15.01 6.77 4.19
N PHE B 42 -13.72 6.86 4.53
CA PHE B 42 -13.10 8.16 4.77
C PHE B 42 -12.20 8.62 3.64
N VAL B 43 -12.34 8.06 2.43
CA VAL B 43 -11.71 8.60 1.22
C VAL B 43 -12.78 8.72 0.12
N PRO B 44 -12.53 9.57 -0.90
CA PRO B 44 -13.44 9.63 -2.07
C PRO B 44 -13.53 8.29 -2.78
N ARG B 45 -14.70 8.00 -3.35
CA ARG B 45 -14.77 6.90 -4.29
C ARG B 45 -13.86 7.18 -5.49
N LEU B 46 -13.11 6.17 -5.93
CA LEU B 46 -12.22 6.29 -7.09
C LEU B 46 -12.93 5.77 -8.33
N TYR B 47 -12.97 6.57 -9.40
CA TYR B 47 -13.73 6.19 -10.59
C TYR B 47 -12.87 5.76 -11.76
N SER B 48 -11.75 6.42 -11.99
CA SER B 48 -10.95 6.04 -13.14
C SER B 48 -9.54 6.57 -12.99
N ILE B 49 -8.60 5.91 -13.67
CA ILE B 49 -7.24 6.42 -13.76
C ILE B 49 -6.91 6.49 -15.24
N ASN B 50 -6.11 7.47 -15.62
CA ASN B 50 -5.71 7.60 -17.01
C ASN B 50 -4.23 7.93 -16.97
N PRO B 51 -3.36 6.92 -17.04
CA PRO B 51 -1.91 7.16 -16.96
C PRO B 51 -1.40 8.01 -18.10
N GLU B 52 -2.05 7.97 -19.28
CA GLU B 52 -1.53 8.78 -20.38
C GLU B 52 -1.75 10.26 -20.10
N LYS B 53 -2.88 10.62 -19.50
CA LYS B 53 -3.09 12.02 -19.12
C LYS B 53 -2.69 12.34 -17.68
N LEU B 54 -2.18 11.35 -16.92
CA LEU B 54 -1.93 11.47 -15.48
C LEU B 54 -3.14 12.07 -14.75
N GLU B 55 -4.34 11.56 -15.08
CA GLU B 55 -5.59 12.03 -14.48
C GLU B 55 -6.22 10.96 -13.63
N ILE B 56 -6.68 11.37 -12.45
CA ILE B 56 -7.48 10.53 -11.57
C ILE B 56 -8.85 11.17 -11.46
N GLU B 57 -9.92 10.40 -11.72
CA GLU B 57 -11.27 10.93 -11.51
C GLU B 57 -11.86 10.29 -10.26
N MET B 58 -12.37 11.09 -9.35
CA MET B 58 -12.85 10.57 -8.08
C MET B 58 -14.07 11.37 -7.65
N GLU B 59 -14.72 10.90 -6.57
CA GLU B 59 -15.89 11.56 -6.06
C GLU B 59 -15.54 12.95 -5.54
N PHE B 60 -16.32 13.98 -5.96
CA PHE B 60 -16.20 15.28 -5.32
C PHE B 60 -16.84 15.23 -3.94
N ILE B 61 -16.09 15.59 -2.89
CA ILE B 61 -16.61 15.55 -1.51
C ILE B 61 -17.16 16.91 -1.18
N GLU B 62 -18.47 16.96 -0.90
CA GLU B 62 -19.06 18.20 -0.45
C GLU B 62 -18.85 18.35 1.06
N GLY B 63 -18.36 19.50 1.49
CA GLY B 63 -18.16 19.74 2.91
C GLY B 63 -17.38 21.02 3.11
N ARG B 64 -16.88 21.20 4.32
CA ARG B 64 -16.02 22.32 4.65
C ARG B 64 -14.62 21.81 4.98
N PRO B 65 -13.56 22.45 4.50
CA PRO B 65 -12.21 21.99 4.89
C PRO B 65 -11.94 22.29 6.35
N ILE B 66 -11.13 21.42 6.97
CA ILE B 66 -10.97 21.52 8.42
C ILE B 66 -10.47 22.91 8.83
N LYS B 67 -9.70 23.58 7.98
CA LYS B 67 -9.18 24.92 8.35
C LYS B 67 -10.28 25.94 8.64
N ASP B 68 -11.45 25.82 8.00
CA ASP B 68 -12.51 26.82 8.14
C ASP B 68 -13.43 26.56 9.32
N VAL B 69 -13.36 25.39 9.93
CA VAL B 69 -14.30 25.02 10.99
C VAL B 69 -13.61 24.38 12.18
N ILE B 70 -12.27 24.41 12.20
CA ILE B 70 -11.54 23.67 13.23
C ILE B 70 -11.96 24.17 14.62
N ASN B 71 -12.24 25.46 14.74
CA ASN B 71 -12.55 25.98 16.07
C ASN B 71 -13.93 25.61 16.54
N GLU B 72 -14.81 25.19 15.63
CA GLU B 72 -16.19 24.84 15.93
C GLU B 72 -16.42 23.34 16.12
N LEU B 73 -15.41 22.49 15.86
CA LEU B 73 -15.60 21.05 15.97
C LEU B 73 -15.70 20.61 17.43
N ASN B 74 -16.70 19.77 17.73
CA ASN B 74 -16.85 19.24 19.06
C ASN B 74 -15.93 18.01 19.24
N SER B 75 -15.81 17.56 20.49
CA SER B 75 -14.93 16.43 20.79
C SER B 75 -15.41 15.15 20.11
N GLU B 76 -16.73 14.99 19.92
CA GLU B 76 -17.27 13.96 19.05
C GLU B 76 -16.49 13.83 17.74
N THR B 77 -16.43 14.94 17.04
CA THR B 77 -15.90 14.98 15.69
C THR B 77 -14.38 14.85 15.69
N ILE B 78 -13.71 15.51 16.63
CA ILE B 78 -12.27 15.37 16.77
C ILE B 78 -11.89 13.92 17.03
N GLY B 79 -12.63 13.23 17.89
CA GLY B 79 -12.35 11.81 18.12
C GLY B 79 -12.53 10.96 16.87
N ARG B 80 -13.52 11.30 16.03
CA ARG B 80 -13.66 10.59 14.77
C ARG B 80 -12.47 10.84 13.84
N ILE B 81 -11.91 12.05 13.86
CA ILE B 81 -10.74 12.31 13.02
C ILE B 81 -9.53 11.56 13.56
N LEU B 82 -9.32 11.64 14.89
CA LEU B 82 -8.23 10.89 15.51
C LEU B 82 -8.35 9.41 15.18
N ASP B 83 -9.58 8.88 15.20
CA ASP B 83 -9.78 7.48 14.84
C ASP B 83 -9.31 7.17 13.43
N ILE B 84 -9.55 8.08 12.47
CA ILE B 84 -9.10 7.84 11.10
C ILE B 84 -7.60 7.84 11.00
N CYS B 85 -6.93 8.77 11.68
CA CYS B 85 -5.47 8.78 11.73
C CYS B 85 -4.92 7.49 12.30
N ARG B 86 -5.53 7.01 13.38
CA ARG B 86 -5.12 5.76 13.98
C ARG B 86 -5.31 4.61 13.00
N LYS B 87 -6.42 4.63 12.25
CA LYS B 87 -6.63 3.63 11.21
C LYS B 87 -5.46 3.62 10.22
N LEU B 88 -5.08 4.80 9.72
CA LEU B 88 -3.98 4.89 8.77
C LEU B 88 -2.68 4.39 9.40
N ASP B 89 -2.45 4.72 10.68
CA ASP B 89 -1.28 4.19 11.39
C ASP B 89 -1.30 2.67 11.39
N VAL B 90 -2.46 2.08 11.72
CA VAL B 90 -2.55 0.63 11.82
C VAL B 90 -2.34 -0.03 10.47
N LEU B 91 -2.85 0.61 9.41
CA LEU B 91 -2.76 0.10 8.04
C LEU B 91 -1.35 0.19 7.48
N GLY B 92 -0.50 1.03 8.04
CA GLY B 92 0.85 1.21 7.54
C GLY B 92 1.00 2.33 6.54
N ILE B 93 0.02 3.22 6.42
CA ILE B 93 0.05 4.28 5.41
C ILE B 93 0.38 5.59 6.10
N GLN B 94 1.56 6.13 5.78
CA GLN B 94 1.99 7.44 6.27
C GLN B 94 1.58 8.45 5.21
N LYS B 95 0.48 9.16 5.42
CA LYS B 95 -0.06 10.07 4.39
C LYS B 95 0.85 11.28 4.19
N GLU B 96 1.52 11.72 5.24
CA GLU B 96 2.42 12.91 5.22
C GLU B 96 1.61 14.21 5.33
N GLU B 97 2.27 15.29 5.73
CA GLU B 97 1.63 16.63 5.87
C GLU B 97 0.40 16.59 6.78
N MET B 98 0.33 15.63 7.70
CA MET B 98 -0.84 15.63 8.55
C MET B 98 -0.75 16.67 9.66
N ASN B 99 0.41 17.29 9.84
CA ASN B 99 0.51 18.48 10.69
C ASN B 99 0.03 19.72 9.97
N HIS B 100 -0.24 19.63 8.67
CA HIS B 100 -0.90 20.69 7.90
C HIS B 100 -2.06 20.10 7.09
N PRO B 101 -3.09 19.60 7.75
CA PRO B 101 -4.23 18.98 7.03
C PRO B 101 -5.26 20.00 6.56
N ASP B 102 -4.90 21.28 6.61
CA ASP B 102 -5.83 22.38 6.46
C ASP B 102 -6.85 22.18 5.35
N ARG B 103 -6.39 21.78 4.16
CA ARG B 103 -7.26 21.65 2.99
C ARG B 103 -7.72 20.22 2.74
N HIS B 104 -7.25 19.26 3.54
CA HIS B 104 -7.29 17.85 3.14
C HIS B 104 -8.17 17.00 4.02
N ILE B 105 -8.86 17.61 4.98
CA ILE B 105 -9.91 16.98 5.74
C ILE B 105 -11.19 17.76 5.47
N ILE B 106 -12.16 17.09 4.86
CA ILE B 106 -13.37 17.74 4.41
C ILE B 106 -14.50 17.25 5.29
N ILE B 107 -15.21 18.16 5.93
CA ILE B 107 -16.15 17.84 7.01
C ILE B 107 -17.56 18.21 6.59
N SER B 108 -18.46 17.25 6.74
CA SER B 108 -19.87 17.45 6.53
C SER B 108 -20.59 16.67 7.61
N ASP B 109 -21.72 16.06 7.29
CA ASP B 109 -22.23 14.94 8.08
C ASP B 109 -21.19 13.83 8.21
N ARG B 110 -20.25 13.75 7.27
CA ARG B 110 -19.19 12.75 7.32
C ARG B 110 -17.83 13.44 7.30
N ILE B 111 -16.78 12.65 7.45
CA ILE B 111 -15.40 13.11 7.45
C ILE B 111 -14.66 12.34 6.38
N VAL B 112 -14.03 13.05 5.45
CA VAL B 112 -13.33 12.41 4.34
C VAL B 112 -11.95 13.04 4.19
N PHE B 113 -10.91 12.20 4.07
CA PHE B 113 -9.56 12.67 3.78
C PHE B 113 -9.33 12.66 2.29
N ILE B 114 -8.62 13.68 1.79
CA ILE B 114 -8.16 13.72 0.41
C ILE B 114 -6.66 13.98 0.37
N ASP B 115 -6.08 13.72 -0.81
CA ASP B 115 -4.69 13.99 -1.20
C ASP B 115 -3.69 13.00 -0.58
N PHE B 116 -3.51 11.88 -1.28
CA PHE B 116 -2.61 10.80 -0.86
C PHE B 116 -1.37 10.73 -1.72
N GLU B 117 -1.09 11.78 -2.51
CA GLU B 117 -0.02 11.66 -3.49
C GLU B 117 1.35 11.65 -2.84
N ARG B 118 1.44 11.97 -1.56
CA ARG B 118 2.75 12.01 -0.86
C ARG B 118 2.86 10.79 0.05
N GLY B 119 1.91 9.87 -0.02
CA GLY B 119 1.91 8.76 0.90
C GLY B 119 3.12 7.86 0.69
N VAL B 120 3.54 7.23 1.79
CA VAL B 120 4.56 6.18 1.79
C VAL B 120 4.11 5.11 2.79
N ILE B 121 4.54 3.89 2.55
CA ILE B 121 4.26 2.77 3.50
C ILE B 121 5.35 2.82 4.58
N LYS B 122 4.95 2.73 5.84
CA LYS B 122 5.91 2.82 6.97
C LYS B 122 5.42 1.88 8.07
N CYS B 123 6.35 1.32 8.83
CA CYS B 123 5.99 0.35 9.89
C CYS B 123 5.21 1.09 10.99
N ARG B 124 5.64 2.32 11.29
CA ARG B 124 4.99 3.08 12.35
C ARG B 124 4.74 4.47 11.78
N PRO B 125 3.63 4.65 11.06
CA PRO B 125 3.34 5.97 10.48
C PRO B 125 3.14 7.04 11.55
N SER B 126 3.20 8.29 11.10
CA SER B 126 3.10 9.46 11.95
C SER B 126 1.81 10.26 11.69
N ASN B 127 0.71 9.61 11.28
CA ASN B 127 -0.53 10.34 11.04
C ASN B 127 -1.09 10.96 12.31
N LEU B 128 -1.22 10.17 13.39
CA LEU B 128 -1.80 10.70 14.64
C LEU B 128 -0.93 11.78 15.27
N THR B 129 0.37 11.50 15.38
CA THR B 129 1.27 12.45 16.04
C THR B 129 1.41 13.74 15.25
N GLN B 130 1.47 13.65 13.92
CA GLN B 130 1.47 14.86 13.12
C GLN B 130 0.15 15.60 13.30
N PHE B 131 -0.98 14.89 13.24
CA PHE B 131 -2.27 15.57 13.39
C PHE B 131 -2.37 16.20 14.77
N ALA B 132 -1.86 15.52 15.80
CA ALA B 132 -1.88 16.08 17.15
C ALA B 132 -1.12 17.41 17.22
N VAL B 133 -0.01 17.54 16.48
CA VAL B 133 0.74 18.80 16.50
C VAL B 133 -0.11 19.92 15.92
N TYR B 134 -0.73 19.68 14.75
CA TYR B 134 -1.65 20.64 14.15
C TYR B 134 -2.78 21.00 15.11
N LEU B 135 -3.38 19.99 15.71
CA LEU B 135 -4.52 20.21 16.60
C LEU B 135 -4.12 21.08 17.79
N ASN B 136 -2.95 20.82 18.36
CA ASN B 136 -2.48 21.63 19.49
C ASN B 136 -2.08 23.03 19.04
N SER B 137 -1.58 23.16 17.80
CA SER B 137 -1.25 24.49 17.30
C SER B 137 -2.52 25.32 17.09
N ARG B 138 -3.63 24.69 16.70
CA ARG B 138 -4.85 25.47 16.44
C ARG B 138 -5.73 25.68 17.67
N LEU B 139 -5.86 24.66 18.51
CA LEU B 139 -6.74 24.72 19.66
C LEU B 139 -5.99 25.04 20.93
N ARG B 140 -4.65 24.99 20.89
CA ARG B 140 -3.81 25.28 22.08
C ARG B 140 -4.34 24.47 23.26
N LEU B 141 -4.39 23.16 23.14
CA LEU B 141 -4.96 22.31 24.19
C LEU B 141 -4.01 22.14 25.37
N MET B 142 -2.69 22.23 25.16
CA MET B 142 -1.72 21.96 26.21
C MET B 142 -0.37 22.52 25.77
N LYS B 143 0.63 22.35 26.63
CA LYS B 143 2.00 22.77 26.35
C LYS B 143 2.71 21.70 25.52
N ASN B 144 3.67 22.13 24.70
CA ASN B 144 4.34 21.22 23.79
C ASN B 144 4.95 20.03 24.53
N GLU B 145 5.55 20.28 25.70
CA GLU B 145 6.17 19.19 26.45
C GLU B 145 5.14 18.16 26.88
N GLU B 146 3.97 18.61 27.37
CA GLU B 146 2.92 17.66 27.70
C GLU B 146 2.51 16.87 26.46
N LEU B 147 2.40 17.56 25.32
CA LEU B 147 2.06 16.86 24.08
C LEU B 147 3.10 15.81 23.73
N LYS B 148 4.38 16.19 23.77
CA LYS B 148 5.44 15.24 23.41
C LYS B 148 5.47 14.06 24.37
N LYS B 149 5.13 14.29 25.64
CA LYS B 149 5.02 13.16 26.57
C LYS B 149 3.97 12.17 26.10
N LEU B 150 2.76 12.66 25.81
CA LEU B 150 1.71 11.79 25.31
C LEU B 150 2.10 11.13 24.00
N LEU B 151 2.73 11.90 23.10
CA LEU B 151 3.05 11.37 21.77
C LEU B 151 4.19 10.35 21.84
N ARG B 152 5.16 10.57 22.74
CA ARG B 152 6.21 9.57 22.93
C ARG B 152 5.63 8.30 23.55
N GLU B 153 4.64 8.44 24.45
CA GLU B 153 4.00 7.27 25.03
C GLU B 153 3.27 6.45 23.96
N TYR B 154 2.46 7.11 23.11
CA TYR B 154 1.78 6.38 22.02
C TYR B 154 2.80 5.75 21.07
N LYS B 155 3.84 6.52 20.69
CA LYS B 155 4.76 6.00 19.68
C LYS B 155 5.53 4.79 20.20
N LYS B 156 5.81 4.75 21.51
CA LYS B 156 6.51 3.60 22.09
C LYS B 156 5.62 2.35 22.10
N GLY B 157 4.37 2.50 22.54
CA GLY B 157 3.42 1.39 22.61
C GLY B 157 2.78 1.01 21.29
N PHE B 158 2.31 2.02 20.57
CA PHE B 158 1.70 1.82 19.22
C PHE B 158 0.78 0.62 19.24
N ASP B 159 -0.18 0.64 20.15
CA ASP B 159 -1.18 -0.44 20.24
C ASP B 159 -2.51 0.21 20.57
N ASP B 160 -3.57 -0.59 20.61
CA ASP B 160 -4.92 -0.02 20.88
C ASP B 160 -4.92 0.65 22.26
N GLU B 161 -4.34 0.00 23.27
CA GLU B 161 -4.33 0.56 24.64
C GLU B 161 -3.64 1.91 24.62
N SER B 162 -2.47 1.97 24.00
CA SER B 162 -1.73 3.25 23.92
C SER B 162 -2.58 4.28 23.19
N TYR B 163 -3.38 3.84 22.21
CA TYR B 163 -4.20 4.79 21.42
C TYR B 163 -5.32 5.29 22.29
N ARG B 164 -6.09 4.37 22.86
CA ARG B 164 -7.27 4.77 23.67
C ARG B 164 -6.81 5.73 24.78
N GLU B 165 -5.65 5.50 25.40
CA GLU B 165 -5.18 6.44 26.42
C GLU B 165 -4.90 7.82 25.81
N LEU B 166 -4.21 7.88 24.66
CA LEU B 166 -3.91 9.16 24.05
C LEU B 166 -5.20 9.87 23.59
N ARG B 167 -6.14 9.11 23.03
CA ARG B 167 -7.42 9.65 22.57
C ARG B 167 -8.14 10.40 23.69
N THR B 168 -8.45 9.70 24.77
CA THR B 168 -9.17 10.30 25.89
C THR B 168 -8.40 11.48 26.49
N GLN B 169 -7.08 11.39 26.51
CA GLN B 169 -6.24 12.47 27.03
C GLN B 169 -6.27 13.71 26.14
N ILE B 170 -6.35 13.55 24.82
CA ILE B 170 -6.53 14.73 23.97
C ILE B 170 -7.95 15.29 24.14
N LEU B 171 -8.93 14.41 24.20
CA LEU B 171 -10.33 14.89 24.24
C LEU B 171 -10.63 15.59 25.58
N GLN B 172 -9.90 15.23 26.65
CA GLN B 172 -10.16 15.81 27.98
C GLN B 172 -9.80 17.31 27.97
N TYR B 173 -8.88 17.73 27.11
CA TYR B 173 -8.44 19.15 27.11
C TYR B 173 -9.45 20.02 26.41
N MET B 174 -10.50 19.41 25.87
CA MET B 174 -11.56 20.18 25.16
C MET B 174 -12.71 20.48 26.14
C1 GOL C . -4.79 -0.58 3.24
O1 GOL C . -6.19 -0.38 3.46
C2 GOL C . -4.60 -2.12 3.25
O2 GOL C . -4.80 -2.64 1.99
C3 GOL C . -3.18 -2.42 3.86
O3 GOL C . -3.04 -3.83 3.91
PG ATP D . -6.33 -16.12 -8.14
O1G ATP D . -6.06 -14.72 -7.70
O2G ATP D . -5.36 -17.10 -7.54
O3G ATP D . -7.76 -16.51 -7.94
PB ATP D . -6.92 -15.64 -10.94
O1B ATP D . -6.99 -16.73 -11.94
O2B ATP D . -8.17 -15.03 -10.41
O3B ATP D . -6.04 -16.16 -9.71
PA ATP D . -4.53 -14.41 -12.14
O1A ATP D . -3.77 -15.60 -11.70
O2A ATP D . -3.96 -13.07 -11.87
O3A ATP D . -5.99 -14.46 -11.50
O5' ATP D . -4.87 -14.53 -13.69
C5' ATP D . -5.19 -15.81 -14.26
C4' ATP D . -4.16 -16.16 -15.31
O4' ATP D . -4.18 -15.16 -16.36
C3' ATP D . -2.70 -16.19 -14.83
O3' ATP D . -2.39 -17.44 -14.23
C2' ATP D . -1.96 -15.98 -16.15
O2' ATP D . -1.87 -17.16 -16.91
C1' ATP D . -2.87 -14.96 -16.85
N9 ATP D . -2.51 -13.57 -16.61
C8 ATP D . -3.03 -12.71 -15.69
N7 ATP D . -2.51 -11.51 -15.74
C5 ATP D . -1.59 -11.59 -16.79
C6 ATP D . -0.72 -10.64 -17.35
N6 ATP D . -0.61 -9.38 -16.93
N1 ATP D . 0.06 -11.06 -18.38
C2 ATP D . -0.05 -12.32 -18.80
N3 ATP D . -0.83 -13.29 -18.35
C4 ATP D . -1.60 -12.85 -17.33
CL CL E . 24.56 -21.81 -12.25
C1 GOL F . 6.17 2.30 -0.66
O1 GOL F . 5.97 3.50 0.10
C2 GOL F . 5.09 2.23 -1.77
O2 GOL F . 5.07 3.34 -2.63
C3 GOL F . 5.36 0.87 -2.51
O3 GOL F . 6.02 1.14 -3.75
PG ATP G . -0.44 18.91 -4.72
O1G ATP G . 0.76 19.81 -4.62
O2G ATP G . -0.47 18.12 -5.99
O3G ATP G . -0.65 18.09 -3.49
PB ATP G . -2.98 20.15 -4.05
O1B ATP G . -2.60 20.07 -2.61
O2B ATP G . -3.56 21.41 -4.59
O3B ATP G . -1.71 19.84 -4.95
PA ATP G . -5.27 18.45 -3.65
O1A ATP G . -5.31 19.08 -2.31
O2A ATP G . -5.40 16.97 -3.70
O3A ATP G . -3.94 18.92 -4.40
O5' ATP G . -6.41 19.10 -4.57
C5' ATP G . -6.50 20.53 -4.70
C4' ATP G . -7.79 21.02 -4.09
O4' ATP G . -8.91 20.53 -4.86
C3' ATP G . -8.08 20.54 -2.66
O3' ATP G . -7.44 21.38 -1.71
C2' ATP G . -9.60 20.66 -2.61
O2' ATP G . -10.03 21.98 -2.37
C1' ATP G . -9.98 20.20 -4.02
N9 ATP G . -10.24 18.76 -4.12
C8 ATP G . -9.39 17.79 -4.53
N7 ATP G . -9.93 16.59 -4.53
C5 ATP G . -11.22 16.81 -4.09
C6 ATP G . -12.31 15.94 -3.87
N6 ATP G . -12.26 14.63 -4.07
N1 ATP G . -13.46 16.49 -3.43
C2 ATP G . -13.51 17.82 -3.22
N3 ATP G . -12.56 18.72 -3.40
C4 ATP G . -11.42 18.15 -3.84
#